data_3RHG
#
_entry.id   3RHG
#
_cell.length_a   101.203
_cell.length_b   101.203
_cell.length_c   65.614
_cell.angle_alpha   90.00
_cell.angle_beta   90.00
_cell.angle_gamma   120.00
#
_symmetry.space_group_name_H-M   'P 32 2 1'
#
loop_
_entity.id
_entity.type
_entity.pdbx_description
1 polymer 'Putative phophotriesterase'
2 non-polymer 'ZINC ION'
3 non-polymer 'BENZOIC ACID'
4 non-polymer 'CACODYLATE ION'
5 non-polymer 'SULFATE ION'
6 non-polymer 'UNKNOWN LIGAND'
7 water water
#
_entity_poly.entity_id   1
_entity_poly.type   'polypeptide(L)'
_entity_poly.pdbx_seq_one_letter_code
;MKGYIQTVTGPVKKADMGLTLPHEHLFNDLSGVVDEPFYEFSHVLVDKKVSADIQWGLKYDPYCCCDNMDKKPIEDVIFE
LNNFKELGGKTIVDATGSSSIGRDIRKLKQVAELTGINVVASSGLYIEKFEGKRLADDIDAMAKMIDDELNIGIDGTDIR
AGMIGEIGVSPFFTDGEKNSLRAAALAQNNNPYASMNIHMPGWQRRGDEVLDILLTEMGCDPAKISLAHSDPSGKDIDYQ
CKMLDRGVWLEFDMIGLDISFPKEGAAPSVMDTVEAVATLIERGYGNQIVLSHDVFLKQMWAKNGGNGWGFVPNVFLSLL
AQRGIDKTIIDKLCIDNPANLLAAENLYFQSHHHHHHWSHPQFEK
;
_entity_poly.pdbx_strand_id   A
#
# COMPACT_ATOMS: atom_id res chain seq x y z
N MET A 1 -5.40 21.92 -6.60
CA MET A 1 -4.48 23.04 -6.25
C MET A 1 -4.03 22.89 -4.81
N LYS A 2 -2.88 23.46 -4.49
CA LYS A 2 -2.34 23.43 -3.13
C LYS A 2 -2.29 21.99 -2.58
N GLY A 3 -1.85 21.06 -3.43
CA GLY A 3 -1.78 19.67 -3.01
C GLY A 3 -0.92 19.48 -1.77
N TYR A 4 -1.31 18.49 -0.96
CA TYR A 4 -0.54 18.17 0.24
C TYR A 4 -0.93 16.81 0.70
N ILE A 5 -0.13 16.25 1.61
CA ILE A 5 -0.45 14.99 2.26
CA ILE A 5 -0.53 15.01 2.25
C ILE A 5 -0.60 15.23 3.76
N GLN A 6 -1.57 14.59 4.39
CA GLN A 6 -1.70 14.67 5.83
C GLN A 6 -0.85 13.55 6.42
N THR A 7 0.24 13.91 7.10
CA THR A 7 1.10 12.95 7.75
C THR A 7 0.69 12.83 9.21
N VAL A 8 1.33 11.90 9.93
CA VAL A 8 1.01 11.67 11.34
C VAL A 8 1.47 12.83 12.25
N THR A 9 2.19 13.78 11.67
CA THR A 9 2.58 14.98 12.42
C THR A 9 2.13 16.27 11.74
N GLY A 10 1.24 16.17 10.75
CA GLY A 10 0.70 17.37 10.11
C GLY A 10 0.85 17.36 8.60
N PRO A 11 0.29 18.38 7.94
CA PRO A 11 0.31 18.44 6.49
C PRO A 11 1.69 18.79 5.93
N VAL A 12 2.01 18.14 4.82
CA VAL A 12 3.23 18.41 4.07
C VAL A 12 2.85 18.74 2.62
N LYS A 13 3.38 19.83 2.10
CA LYS A 13 3.05 20.21 0.73
C LYS A 13 3.58 19.21 -0.28
N LYS A 14 2.85 19.07 -1.38
CA LYS A 14 3.23 18.16 -2.45
C LYS A 14 4.68 18.37 -2.88
N ALA A 15 5.08 19.62 -3.07
CA ALA A 15 6.42 19.88 -3.59
C ALA A 15 7.54 19.51 -2.61
N ASP A 16 7.17 19.29 -1.36
CA ASP A 16 8.14 18.99 -0.31
C ASP A 16 8.26 17.49 0.00
N MET A 17 7.51 16.65 -0.71
CA MET A 17 7.50 15.22 -0.35
C MET A 17 8.80 14.49 -0.68
N GLY A 18 9.54 14.96 -1.69
CA GLY A 18 10.78 14.29 -2.05
C GLY A 18 10.61 12.81 -2.40
N LEU A 19 11.69 12.04 -2.24
CA LEU A 19 11.68 10.61 -2.52
CA LEU A 19 11.67 10.62 -2.52
C LEU A 19 10.68 9.95 -1.60
N THR A 20 9.69 9.28 -2.21
CA THR A 20 8.51 8.79 -1.49
C THR A 20 8.26 7.32 -1.84
N LEU A 21 7.92 6.53 -0.83
CA LEU A 21 7.50 5.13 -1.02
C LEU A 21 6.02 5.07 -0.65
N PRO A 22 5.17 4.81 -1.65
CA PRO A 22 3.70 4.93 -1.47
C PRO A 22 3.01 3.70 -0.89
N HIS A 23 3.72 2.58 -0.74
CA HIS A 23 3.02 1.40 -0.19
C HIS A 23 3.98 0.52 0.60
N GLU A 24 3.98 0.69 1.91
CA GLU A 24 4.86 -0.08 2.81
C GLU A 24 4.07 -0.42 4.06
N HIS A 25 4.62 -1.29 4.89
CA HIS A 25 4.07 -1.47 6.23
C HIS A 25 5.17 -1.29 7.25
N LEU A 26 5.07 -0.23 8.04
CA LEU A 26 6.02 -0.03 9.14
C LEU A 26 5.66 -0.89 10.34
N PHE A 27 4.39 -0.82 10.74
CA PHE A 27 3.86 -1.58 11.87
C PHE A 27 2.62 -2.35 11.45
N ASN A 28 2.72 -3.67 11.49
CA ASN A 28 1.62 -4.54 11.18
C ASN A 28 1.82 -5.82 11.98
N ASP A 29 0.76 -6.59 12.13
CA ASP A 29 0.81 -7.76 13.00
C ASP A 29 -0.12 -8.76 12.33
N LEU A 30 0.45 -9.88 11.88
CA LEU A 30 -0.33 -10.93 11.26
CA LEU A 30 -0.35 -10.93 11.26
C LEU A 30 -0.42 -12.16 12.17
N SER A 31 -0.33 -11.91 13.47
CA SER A 31 -0.31 -12.98 14.48
C SER A 31 -1.54 -13.87 14.52
N GLY A 32 -2.66 -13.38 13.99
CA GLY A 32 -3.90 -14.15 14.04
C GLY A 32 -4.06 -15.13 12.89
N VAL A 33 -3.10 -15.12 11.97
CA VAL A 33 -3.15 -15.95 10.77
C VAL A 33 -1.83 -16.69 10.47
N VAL A 34 -1.08 -17.05 11.51
CA VAL A 34 0.10 -17.87 11.29
C VAL A 34 -0.37 -19.22 10.73
N ASP A 35 0.21 -19.63 9.61
CA ASP A 35 -0.18 -20.86 8.93
C ASP A 35 0.61 -22.03 9.49
N GLU A 36 0.03 -23.23 9.44
CA GLU A 36 0.79 -24.44 9.77
C GLU A 36 1.91 -24.63 8.75
N PRO A 37 3.03 -25.22 9.17
CA PRO A 37 4.10 -25.51 8.24
C PRO A 37 3.59 -26.27 7.00
N PHE A 38 3.92 -25.78 5.81
CA PHE A 38 3.39 -26.32 4.55
C PHE A 38 4.21 -27.48 4.00
N TYR A 39 5.52 -27.45 4.25
CA TYR A 39 6.45 -28.41 3.66
C TYR A 39 7.18 -29.16 4.76
N GLU A 40 7.85 -30.25 4.38
CA GLU A 40 8.58 -31.08 5.31
C GLU A 40 9.64 -30.27 6.04
N PHE A 41 10.22 -29.28 5.34
CA PHE A 41 11.30 -28.50 5.94
C PHE A 41 10.79 -27.36 6.85
N SER A 42 9.53 -26.99 6.72
CA SER A 42 9.01 -25.77 7.35
C SER A 42 8.96 -25.83 8.87
N HIS A 43 8.84 -27.02 9.42
CA HIS A 43 8.63 -27.19 10.86
CA HIS A 43 8.61 -27.16 10.86
C HIS A 43 9.70 -26.47 11.68
N VAL A 44 10.93 -26.49 11.18
CA VAL A 44 12.05 -25.86 11.89
C VAL A 44 11.96 -24.34 11.93
N LEU A 45 11.15 -23.76 11.05
CA LEU A 45 11.03 -22.30 10.95
C LEU A 45 10.07 -21.72 11.98
N VAL A 46 9.14 -22.57 12.42
CA VAL A 46 7.95 -22.08 13.10
C VAL A 46 8.25 -21.23 14.34
N ASP A 47 9.17 -21.72 15.17
CA ASP A 47 9.45 -21.07 16.45
C ASP A 47 10.76 -20.29 16.47
N LYS A 48 11.37 -20.11 15.30
CA LYS A 48 12.63 -19.37 15.24
C LYS A 48 12.42 -17.88 15.06
N LYS A 49 13.36 -17.10 15.59
CA LYS A 49 13.42 -15.69 15.31
C LYS A 49 13.91 -15.49 13.88
N VAL A 50 13.31 -14.54 13.18
CA VAL A 50 13.78 -14.25 11.83
C VAL A 50 15.21 -13.71 11.86
N SER A 51 16.06 -14.32 11.02
CA SER A 51 17.44 -13.87 10.79
C SER A 51 17.87 -14.29 9.41
N ALA A 52 19.02 -13.80 8.98
CA ALA A 52 19.57 -14.16 7.67
C ALA A 52 19.69 -15.68 7.52
N ASP A 53 19.95 -16.37 8.64
CA ASP A 53 20.20 -17.80 8.66
C ASP A 53 19.00 -18.69 8.28
N ILE A 54 17.80 -18.11 8.23
CA ILE A 54 16.63 -18.90 7.82
C ILE A 54 15.92 -18.33 6.60
N GLN A 55 16.57 -17.39 5.92
CA GLN A 55 16.02 -16.92 4.62
C GLN A 55 15.78 -18.08 3.67
N TRP A 56 16.68 -19.06 3.68
CA TRP A 56 16.58 -20.21 2.79
C TRP A 56 15.18 -20.80 2.84
N GLY A 57 14.57 -20.78 4.03
CA GLY A 57 13.26 -21.39 4.24
C GLY A 57 12.10 -20.40 4.19
N LEU A 58 12.31 -19.22 4.74
CA LEU A 58 11.24 -18.22 4.80
C LEU A 58 10.84 -17.77 3.39
N LYS A 59 11.76 -17.88 2.44
CA LYS A 59 11.46 -17.51 1.06
CA LYS A 59 11.43 -17.49 1.07
C LYS A 59 10.48 -18.46 0.37
N TYR A 60 10.16 -19.58 1.04
CA TYR A 60 9.21 -20.58 0.52
C TYR A 60 8.01 -20.82 1.44
N ASP A 61 8.15 -20.47 2.72
CA ASP A 61 7.05 -20.63 3.67
C ASP A 61 7.12 -19.51 4.69
N PRO A 62 6.85 -18.28 4.23
CA PRO A 62 6.98 -17.12 5.11
C PRO A 62 5.99 -17.11 6.28
N TYR A 63 4.79 -17.65 6.04
CA TYR A 63 3.66 -17.45 6.96
C TYR A 63 3.61 -18.43 8.11
N CYS A 64 4.49 -19.44 8.12
CA CYS A 64 4.49 -20.44 9.19
C CYS A 64 5.36 -20.00 10.38
N CYS A 65 6.12 -18.93 10.19
CA CYS A 65 7.07 -18.48 11.21
C CYS A 65 6.44 -17.38 12.07
N CYS A 66 6.15 -17.68 13.33
CA CYS A 66 5.45 -16.72 14.19
CA CYS A 66 5.43 -16.71 14.16
C CYS A 66 6.13 -15.36 14.27
N ASP A 67 7.44 -15.36 14.49
CA ASP A 67 8.17 -14.10 14.65
C ASP A 67 8.05 -13.24 13.38
N ASN A 68 8.04 -13.90 12.22
CA ASN A 68 7.96 -13.19 10.93
C ASN A 68 6.66 -12.40 10.81
N MET A 69 5.64 -12.91 11.50
CA MET A 69 4.26 -12.44 11.41
C MET A 69 3.89 -11.52 12.58
N ASP A 70 4.81 -11.35 13.53
CA ASP A 70 4.52 -10.68 14.80
C ASP A 70 4.72 -9.18 14.66
N LYS A 71 4.33 -8.45 15.70
CA LYS A 71 4.53 -6.99 15.73
C LYS A 71 5.99 -6.58 15.48
N LYS A 72 6.17 -5.39 14.92
CA LYS A 72 7.48 -4.92 14.49
C LYS A 72 8.03 -3.95 15.54
N PRO A 73 9.14 -4.31 16.20
CA PRO A 73 9.71 -3.40 17.21
C PRO A 73 10.18 -2.07 16.60
N ILE A 74 9.88 -0.97 17.27
CA ILE A 74 10.26 0.34 16.76
C ILE A 74 11.77 0.47 16.46
N GLU A 75 12.63 -0.11 17.29
CA GLU A 75 14.08 -0.07 17.07
CA GLU A 75 14.07 0.00 17.03
C GLU A 75 14.44 -0.66 15.70
N ASP A 76 13.80 -1.77 15.37
CA ASP A 76 14.07 -2.45 14.10
C ASP A 76 13.58 -1.61 12.93
N VAL A 77 12.37 -1.07 13.06
CA VAL A 77 11.80 -0.20 12.02
C VAL A 77 12.66 1.06 11.77
N ILE A 78 13.09 1.72 12.83
CA ILE A 78 13.93 2.91 12.69
C ILE A 78 15.26 2.54 12.02
N PHE A 79 15.86 1.42 12.43
CA PHE A 79 17.10 0.98 11.82
C PHE A 79 16.91 0.81 10.30
N GLU A 80 15.82 0.18 9.91
CA GLU A 80 15.56 -0.08 8.50
C GLU A 80 15.24 1.20 7.74
N LEU A 81 14.53 2.12 8.40
CA LEU A 81 14.17 3.37 7.78
C LEU A 81 15.40 4.22 7.51
N ASN A 82 16.43 4.06 8.35
CA ASN A 82 17.64 4.85 8.15
C ASN A 82 18.30 4.57 6.81
N ASN A 83 18.14 3.35 6.31
CA ASN A 83 18.63 3.00 4.98
C ASN A 83 17.96 3.84 3.89
N PHE A 84 16.67 4.08 4.07
CA PHE A 84 15.90 4.89 3.13
C PHE A 84 16.30 6.35 3.29
N LYS A 85 16.39 6.80 4.54
CA LYS A 85 16.72 8.18 4.81
C LYS A 85 18.11 8.52 4.24
N GLU A 86 19.07 7.62 4.36
CA GLU A 86 20.42 7.88 3.86
C GLU A 86 20.48 8.15 2.38
N LEU A 87 19.52 7.65 1.63
CA LEU A 87 19.47 7.77 0.17
C LEU A 87 18.70 9.01 -0.26
N GLY A 88 18.26 9.78 0.74
CA GLY A 88 17.45 10.96 0.51
C GLY A 88 15.96 10.69 0.65
N GLY A 89 15.61 9.53 1.18
CA GLY A 89 14.19 9.21 1.39
C GLY A 89 13.57 10.23 2.31
N LYS A 90 12.39 10.75 1.95
CA LYS A 90 11.74 11.81 2.73
C LYS A 90 10.35 11.45 3.22
N THR A 91 9.65 10.58 2.48
CA THR A 91 8.25 10.30 2.79
C THR A 91 7.98 8.80 2.61
N ILE A 92 7.24 8.23 3.57
CA ILE A 92 6.85 6.82 3.47
C ILE A 92 5.40 6.65 3.91
N VAL A 93 4.66 5.82 3.18
CA VAL A 93 3.25 5.57 3.49
C VAL A 93 3.10 4.19 4.11
N ASP A 94 2.53 4.14 5.30
CA ASP A 94 2.18 2.88 5.93
C ASP A 94 0.75 2.55 5.50
N ALA A 95 0.58 1.48 4.73
CA ALA A 95 -0.70 1.09 4.14
C ALA A 95 -1.49 0.12 5.05
N THR A 96 -1.13 0.08 6.32
CA THR A 96 -1.82 -0.78 7.28
C THR A 96 -3.06 -0.03 7.76
N GLY A 97 -4.18 -0.21 7.06
CA GLY A 97 -5.31 0.70 7.20
C GLY A 97 -6.30 0.33 8.28
N SER A 98 -6.07 -0.81 8.95
CA SER A 98 -7.08 -1.38 9.82
C SER A 98 -6.46 -1.99 11.06
N SER A 99 -7.22 -1.99 12.16
CA SER A 99 -6.80 -2.74 13.34
C SER A 99 -6.70 -4.25 13.03
N SER A 100 -7.41 -4.72 12.00
CA SER A 100 -7.41 -6.18 11.72
C SER A 100 -6.03 -6.68 11.32
N ILE A 101 -5.17 -5.76 10.86
CA ILE A 101 -3.80 -6.11 10.47
C ILE A 101 -2.74 -5.35 11.30
N GLY A 102 -3.18 -4.84 12.45
CA GLY A 102 -2.25 -4.36 13.45
C GLY A 102 -1.76 -2.93 13.26
N ARG A 103 -2.56 -2.08 12.66
CA ARG A 103 -2.18 -0.67 12.52
C ARG A 103 -1.75 -0.12 13.87
N ASP A 104 -0.64 0.63 13.91
CA ASP A 104 -0.15 1.22 15.18
C ASP A 104 0.13 2.70 15.01
N ILE A 105 -0.91 3.51 15.15
CA ILE A 105 -0.82 4.93 14.83
C ILE A 105 0.16 5.65 15.77
N ARG A 106 0.21 5.22 17.03
CA ARG A 106 1.11 5.88 17.98
C ARG A 106 2.58 5.64 17.65
N LYS A 107 2.92 4.41 17.27
CA LYS A 107 4.29 4.15 16.83
C LYS A 107 4.66 4.84 15.51
N LEU A 108 3.69 4.97 14.60
CA LEU A 108 3.94 5.70 13.36
C LEU A 108 4.36 7.15 13.68
N LYS A 109 3.63 7.80 14.58
CA LYS A 109 3.99 9.16 15.02
CA LYS A 109 4.02 9.16 14.97
C LYS A 109 5.39 9.19 15.66
N GLN A 110 5.66 8.22 16.52
CA GLN A 110 6.97 8.15 17.19
CA GLN A 110 6.97 8.18 17.18
C GLN A 110 8.10 8.07 16.17
N VAL A 111 7.91 7.25 15.15
CA VAL A 111 8.94 7.12 14.11
C VAL A 111 9.14 8.42 13.34
N ALA A 112 8.04 9.08 12.99
CA ALA A 112 8.12 10.34 12.29
C ALA A 112 8.94 11.35 13.10
N GLU A 113 8.66 11.41 14.40
CA GLU A 113 9.32 12.35 15.28
C GLU A 113 10.81 12.03 15.43
N LEU A 114 11.14 10.76 15.57
CA LEU A 114 12.54 10.37 15.80
C LEU A 114 13.40 10.47 14.54
N THR A 115 12.81 10.22 13.37
CA THR A 115 13.59 10.13 12.13
C THR A 115 13.47 11.36 11.27
N GLY A 116 12.39 12.11 11.44
CA GLY A 116 12.16 13.28 10.62
C GLY A 116 11.61 12.92 9.25
N ILE A 117 11.39 11.64 9.01
CA ILE A 117 10.73 11.18 7.78
C ILE A 117 9.24 11.52 7.86
N ASN A 118 8.66 11.96 6.75
CA ASN A 118 7.21 12.20 6.66
C ASN A 118 6.54 10.83 6.64
N VAL A 119 5.71 10.52 7.65
CA VAL A 119 5.07 9.21 7.70
C VAL A 119 3.57 9.40 7.53
N VAL A 120 3.00 8.71 6.54
CA VAL A 120 1.60 8.84 6.26
C VAL A 120 0.90 7.55 6.74
N ALA A 121 -0.14 7.72 7.56
CA ALA A 121 -0.98 6.57 7.99
C ALA A 121 -2.15 6.39 7.03
N SER A 122 -2.76 5.21 7.10
CA SER A 122 -3.86 4.87 6.22
C SER A 122 -5.09 4.47 7.01
N SER A 123 -6.24 4.61 6.34
CA SER A 123 -7.52 4.17 6.87
C SER A 123 -8.24 3.37 5.79
N GLY A 124 -8.60 2.13 6.10
CA GLY A 124 -9.33 1.33 5.10
C GLY A 124 -9.43 -0.10 5.57
N LEU A 125 -10.56 -0.75 5.28
CA LEU A 125 -10.74 -2.13 5.74
C LEU A 125 -10.09 -3.10 4.76
N TYR A 126 -9.51 -4.15 5.31
CA TYR A 126 -8.74 -5.12 4.53
C TYR A 126 -9.68 -6.26 4.07
N ILE A 127 -9.12 -7.42 3.70
CA ILE A 127 -9.97 -8.49 3.14
C ILE A 127 -10.84 -9.15 4.22
N GLU A 128 -11.90 -9.80 3.79
CA GLU A 128 -12.85 -10.41 4.72
C GLU A 128 -12.20 -11.49 5.62
N LYS A 129 -11.18 -12.16 5.11
CA LYS A 129 -10.47 -13.16 5.92
C LYS A 129 -10.06 -12.56 7.26
N PHE A 130 -9.66 -11.27 7.24
CA PHE A 130 -9.20 -10.59 8.46
C PHE A 130 -10.34 -9.79 9.11
N GLU A 131 -11.21 -9.20 8.30
CA GLU A 131 -12.20 -8.24 8.78
C GLU A 131 -13.50 -8.89 9.27
N GLY A 132 -13.82 -10.05 8.70
CA GLY A 132 -15.04 -10.72 9.12
C GLY A 132 -16.27 -9.87 8.95
N LYS A 133 -17.13 -9.88 9.97
CA LYS A 133 -18.39 -9.15 9.96
C LYS A 133 -18.22 -7.64 9.86
N ARG A 134 -17.02 -7.12 10.11
CA ARG A 134 -16.84 -5.66 9.96
C ARG A 134 -17.21 -5.19 8.56
N LEU A 135 -17.10 -6.05 7.56
CA LEU A 135 -17.43 -5.66 6.18
C LEU A 135 -18.94 -5.69 5.88
N ALA A 136 -19.71 -6.26 6.80
CA ALA A 136 -21.18 -6.31 6.66
C ALA A 136 -21.88 -5.07 7.25
N ASP A 137 -21.09 -4.14 7.79
CA ASP A 137 -21.68 -2.93 8.36
C ASP A 137 -22.29 -2.08 7.25
N ASP A 138 -23.13 -1.13 7.64
CA ASP A 138 -23.75 -0.18 6.71
CA ASP A 138 -23.74 -0.22 6.67
C ASP A 138 -22.66 0.56 5.92
N ILE A 139 -22.84 0.70 4.61
CA ILE A 139 -21.85 1.42 3.80
C ILE A 139 -21.59 2.84 4.36
N ASP A 140 -22.65 3.54 4.77
CA ASP A 140 -22.47 4.89 5.31
C ASP A 140 -21.67 4.90 6.61
N ALA A 141 -21.88 3.89 7.46
CA ALA A 141 -21.09 3.73 8.70
C ALA A 141 -19.60 3.51 8.40
N MET A 142 -19.31 2.64 7.42
CA MET A 142 -17.93 2.35 7.03
C MET A 142 -17.28 3.62 6.44
N ALA A 143 -18.03 4.34 5.61
CA ALA A 143 -17.52 5.57 5.01
C ALA A 143 -17.26 6.63 6.06
N LYS A 144 -18.17 6.76 7.02
CA LYS A 144 -17.98 7.76 8.08
C LYS A 144 -16.73 7.44 8.90
N MET A 145 -16.51 6.16 9.18
CA MET A 145 -15.33 5.73 9.91
CA MET A 145 -15.32 5.76 9.92
C MET A 145 -14.05 6.19 9.19
N ILE A 146 -13.99 5.97 7.89
CA ILE A 146 -12.81 6.37 7.12
C ILE A 146 -12.67 7.89 7.12
N ASP A 147 -13.78 8.58 6.89
CA ASP A 147 -13.80 10.06 6.90
C ASP A 147 -13.28 10.59 8.25
N ASP A 148 -13.72 10.00 9.35
CA ASP A 148 -13.29 10.42 10.67
C ASP A 148 -11.79 10.16 10.89
N GLU A 149 -11.28 9.05 10.38
CA GLU A 149 -9.87 8.74 10.57
C GLU A 149 -8.99 9.71 9.73
N LEU A 150 -9.52 10.15 8.60
CA LEU A 150 -8.79 11.13 7.77
C LEU A 150 -8.81 12.53 8.36
N ASN A 151 -9.90 12.89 9.03
CA ASN A 151 -10.13 14.29 9.44
C ASN A 151 -10.01 14.60 10.93
N ILE A 152 -10.28 13.61 11.78
CA ILE A 152 -10.32 13.81 13.22
CA ILE A 152 -10.31 13.81 13.23
C ILE A 152 -9.17 13.05 13.89
N GLY A 153 -9.10 11.75 13.64
CA GLY A 153 -8.02 11.00 14.24
C GLY A 153 -8.32 9.53 14.34
N ILE A 154 -7.31 8.78 14.76
CA ILE A 154 -7.38 7.33 14.82
C ILE A 154 -7.28 6.82 16.25
N ASP A 155 -8.17 5.88 16.63
CA ASP A 155 -8.07 5.15 17.89
C ASP A 155 -8.04 6.06 19.11
N GLY A 156 -8.83 7.12 19.04
CA GLY A 156 -8.97 8.09 20.14
C GLY A 156 -7.89 9.15 20.20
N THR A 157 -6.96 9.11 19.26
CA THR A 157 -5.91 10.12 19.19
C THR A 157 -6.34 11.19 18.21
N ASP A 158 -5.52 12.24 18.10
CA ASP A 158 -5.72 13.27 17.11
C ASP A 158 -4.80 13.04 15.91
N ILE A 159 -4.23 11.84 15.82
CA ILE A 159 -3.34 11.48 14.70
C ILE A 159 -4.18 10.99 13.54
N ARG A 160 -4.05 11.63 12.39
CA ARG A 160 -4.93 11.40 11.23
C ARG A 160 -4.25 10.58 10.16
N ALA A 161 -5.05 9.86 9.37
CA ALA A 161 -4.60 9.20 8.16
C ALA A 161 -4.51 10.17 7.00
N GLY A 162 -3.71 9.81 6.00
CA GLY A 162 -3.58 10.63 4.80
C GLY A 162 -3.81 9.84 3.51
N MET A 163 -4.16 8.55 3.63
CA MET A 163 -4.50 7.70 2.48
C MET A 163 -5.64 6.78 2.86
N ILE A 164 -6.49 6.50 1.90
CA ILE A 164 -7.56 5.51 2.08
C ILE A 164 -7.02 4.18 1.54
N GLY A 165 -6.97 3.17 2.39
CA GLY A 165 -6.45 1.86 1.95
C GLY A 165 -5.64 1.18 3.03
N GLU A 166 -4.98 0.07 2.70
CA GLU A 166 -5.22 -0.64 1.44
C GLU A 166 -6.54 -1.42 1.51
N ILE A 167 -7.44 -1.13 0.58
CA ILE A 167 -8.80 -1.66 0.63
C ILE A 167 -8.78 -3.09 0.13
N GLY A 168 -9.29 -4.02 0.94
CA GLY A 168 -9.14 -5.43 0.63
C GLY A 168 -10.07 -5.97 -0.46
N VAL A 169 -9.50 -6.37 -1.59
CA VAL A 169 -10.21 -7.16 -2.59
C VAL A 169 -9.52 -8.52 -2.63
N SER A 170 -10.18 -9.56 -2.12
CA SER A 170 -9.53 -10.86 -2.03
C SER A 170 -9.74 -11.63 -3.34
N PRO A 171 -9.14 -12.82 -3.46
CA PRO A 171 -9.35 -13.64 -4.66
C PRO A 171 -10.78 -14.14 -4.81
N PHE A 172 -11.62 -13.91 -3.79
CA PHE A 172 -13.02 -14.29 -3.83
C PHE A 172 -13.94 -13.09 -3.96
N PHE A 173 -13.36 -11.89 -3.95
CA PHE A 173 -14.07 -10.59 -4.01
C PHE A 173 -15.48 -10.69 -3.45
N THR A 174 -15.56 -10.81 -2.12
CA THR A 174 -16.83 -11.10 -1.48
C THR A 174 -17.80 -9.91 -1.50
N ASP A 175 -19.07 -10.17 -1.20
CA ASP A 175 -20.06 -9.10 -1.13
C ASP A 175 -19.62 -8.04 -0.12
N GLY A 176 -19.03 -8.47 0.99
CA GLY A 176 -18.56 -7.49 1.98
C GLY A 176 -17.40 -6.66 1.47
N GLU A 177 -16.48 -7.28 0.72
CA GLU A 177 -15.40 -6.54 0.10
C GLU A 177 -15.91 -5.52 -0.91
N LYS A 178 -16.96 -5.86 -1.64
CA LYS A 178 -17.56 -4.92 -2.59
C LYS A 178 -18.15 -3.73 -1.84
N ASN A 179 -18.80 -4.00 -0.70
CA ASN A 179 -19.33 -2.90 0.08
C ASN A 179 -18.26 -2.02 0.75
N SER A 180 -17.18 -2.65 1.19
CA SER A 180 -16.03 -1.95 1.72
C SER A 180 -15.46 -1.01 0.63
N LEU A 181 -15.38 -1.50 -0.60
CA LEU A 181 -14.93 -0.69 -1.72
C LEU A 181 -15.86 0.52 -1.95
N ARG A 182 -17.16 0.30 -1.91
CA ARG A 182 -18.10 1.41 -2.05
C ARG A 182 -17.95 2.43 -0.92
N ALA A 183 -17.78 1.95 0.31
CA ALA A 183 -17.55 2.87 1.43
C ALA A 183 -16.29 3.72 1.24
N ALA A 184 -15.23 3.09 0.77
CA ALA A 184 -14.00 3.81 0.53
C ALA A 184 -14.23 4.90 -0.53
N ALA A 185 -15.01 4.58 -1.55
CA ALA A 185 -15.34 5.54 -2.62
C ALA A 185 -16.12 6.73 -2.05
N LEU A 186 -17.15 6.45 -1.25
CA LEU A 186 -17.90 7.54 -0.60
C LEU A 186 -16.98 8.44 0.25
N ALA A 187 -16.07 7.82 1.00
CA ALA A 187 -15.13 8.60 1.81
C ALA A 187 -14.21 9.41 0.90
N GLN A 188 -13.66 8.80 -0.15
CA GLN A 188 -12.80 9.57 -1.04
C GLN A 188 -13.52 10.78 -1.62
N ASN A 189 -14.78 10.58 -2.00
CA ASN A 189 -15.50 11.68 -2.66
C ASN A 189 -15.81 12.84 -1.72
N ASN A 190 -15.54 12.66 -0.43
CA ASN A 190 -15.68 13.73 0.56
C ASN A 190 -14.33 14.26 1.04
N ASN A 191 -13.24 13.85 0.40
CA ASN A 191 -11.89 14.18 0.86
C ASN A 191 -10.99 14.47 -0.32
N PRO A 192 -10.95 15.74 -0.73
CA PRO A 192 -10.38 16.15 -2.03
C PRO A 192 -8.90 15.83 -2.26
N TYR A 193 -8.14 15.48 -1.22
CA TYR A 193 -6.72 15.17 -1.43
C TYR A 193 -6.35 13.71 -1.20
N ALA A 194 -7.30 12.93 -0.68
CA ALA A 194 -7.01 11.54 -0.31
C ALA A 194 -6.98 10.60 -1.51
N SER A 195 -5.85 9.91 -1.72
CA SER A 195 -5.81 8.82 -2.69
C SER A 195 -6.41 7.57 -2.08
N MET A 196 -6.74 6.61 -2.93
CA MET A 196 -7.30 5.34 -2.48
C MET A 196 -6.47 4.24 -3.11
N ASN A 197 -5.90 3.38 -2.25
CA ASN A 197 -5.02 2.29 -2.66
C ASN A 197 -5.79 0.99 -2.49
N ILE A 198 -5.96 0.25 -3.58
CA ILE A 198 -6.74 -0.99 -3.52
C ILE A 198 -5.81 -2.19 -3.46
N HIS A 199 -5.95 -3.00 -2.41
CA HIS A 199 -5.29 -4.29 -2.39
C HIS A 199 -5.98 -5.15 -3.43
N MET A 200 -5.27 -5.47 -4.51
CA MET A 200 -5.81 -6.35 -5.54
C MET A 200 -5.27 -7.75 -5.33
N PRO A 201 -6.05 -8.75 -5.76
CA PRO A 201 -5.52 -10.12 -5.80
C PRO A 201 -4.62 -10.21 -7.03
N GLY A 202 -3.31 -10.07 -6.82
CA GLY A 202 -2.42 -9.75 -7.91
C GLY A 202 -2.19 -10.85 -8.92
N TRP A 203 -2.47 -12.09 -8.54
CA TRP A 203 -2.38 -13.20 -9.47
C TRP A 203 -3.69 -13.47 -10.22
N GLN A 204 -4.69 -12.63 -9.95
CA GLN A 204 -5.92 -12.59 -10.72
C GLN A 204 -5.94 -11.33 -11.58
N ARG A 205 -7.04 -11.17 -12.32
CA ARG A 205 -7.23 -10.00 -13.17
C ARG A 205 -8.58 -9.36 -12.90
N ARG A 206 -8.77 -8.87 -11.68
CA ARG A 206 -10.07 -8.33 -11.26
C ARG A 206 -10.18 -6.82 -11.45
N GLY A 207 -9.19 -6.23 -12.12
CA GLY A 207 -9.22 -4.79 -12.29
C GLY A 207 -10.46 -4.20 -12.92
N ASP A 208 -10.99 -4.80 -14.00
CA ASP A 208 -12.15 -4.18 -14.65
C ASP A 208 -13.35 -4.16 -13.70
N GLU A 209 -13.58 -5.24 -12.95
CA GLU A 209 -14.76 -5.23 -12.08
C GLU A 209 -14.59 -4.27 -10.89
N VAL A 210 -13.36 -4.15 -10.38
CA VAL A 210 -13.12 -3.19 -9.31
C VAL A 210 -13.33 -1.76 -9.83
N LEU A 211 -12.83 -1.48 -11.04
CA LEU A 211 -13.01 -0.14 -11.62
C LEU A 211 -14.45 0.11 -12.07
N ASP A 212 -15.18 -0.94 -12.42
CA ASP A 212 -16.59 -0.72 -12.73
C ASP A 212 -17.31 -0.19 -11.49
N ILE A 213 -16.93 -0.67 -10.30
CA ILE A 213 -17.51 -0.14 -9.09
C ILE A 213 -16.99 1.28 -8.78
N LEU A 214 -15.66 1.45 -8.75
CA LEU A 214 -15.10 2.73 -8.30
C LEU A 214 -15.37 3.84 -9.28
N LEU A 215 -15.21 3.55 -10.57
CA LEU A 215 -15.28 4.62 -11.58
C LEU A 215 -16.68 4.76 -12.16
N THR A 216 -17.25 3.67 -12.66
CA THR A 216 -18.52 3.74 -13.36
C THR A 216 -19.66 3.98 -12.39
N GLU A 217 -19.71 3.19 -11.32
CA GLU A 217 -20.80 3.28 -10.35
C GLU A 217 -20.62 4.44 -9.37
N MET A 218 -19.46 4.50 -8.71
CA MET A 218 -19.26 5.49 -7.64
C MET A 218 -18.77 6.86 -8.14
N GLY A 219 -18.31 6.92 -9.39
CA GLY A 219 -17.89 8.20 -9.96
C GLY A 219 -16.60 8.78 -9.40
N CYS A 220 -15.69 7.93 -8.93
CA CYS A 220 -14.41 8.43 -8.39
C CYS A 220 -13.49 9.01 -9.46
N ASP A 221 -12.59 9.90 -9.05
CA ASP A 221 -11.55 10.41 -9.97
C ASP A 221 -10.49 9.33 -10.15
N PRO A 222 -10.35 8.76 -11.37
CA PRO A 222 -9.38 7.69 -11.53
C PRO A 222 -7.95 8.11 -11.15
N ALA A 223 -7.61 9.40 -11.27
CA ALA A 223 -6.26 9.86 -10.97
C ALA A 223 -5.95 9.86 -9.46
N LYS A 224 -6.95 9.55 -8.64
CA LYS A 224 -6.72 9.44 -7.21
C LYS A 224 -6.88 7.99 -6.75
N ILE A 225 -6.87 7.04 -7.70
CA ILE A 225 -6.97 5.60 -7.39
C ILE A 225 -5.70 4.88 -7.85
N SER A 226 -5.14 4.04 -6.98
CA SER A 226 -4.04 3.17 -7.36
C SER A 226 -4.38 1.71 -7.12
N LEU A 227 -4.00 0.88 -8.08
CA LEU A 227 -4.19 -0.56 -7.95
C LEU A 227 -2.90 -1.18 -7.40
N ALA A 228 -2.92 -1.61 -6.14
CA ALA A 228 -1.75 -2.25 -5.55
C ALA A 228 -1.53 -3.65 -6.15
N HIS A 229 -0.32 -4.14 -5.97
CA HIS A 229 0.05 -5.48 -6.35
C HIS A 229 -0.22 -5.73 -7.84
N SER A 230 0.14 -4.76 -8.67
CA SER A 230 0.05 -4.93 -10.11
C SER A 230 1.21 -5.80 -10.60
N ASP A 231 2.22 -6.03 -9.77
CA ASP A 231 3.44 -6.71 -10.23
C ASP A 231 3.18 -8.06 -10.90
N PRO A 232 2.34 -8.93 -10.29
CA PRO A 232 2.22 -10.26 -10.90
C PRO A 232 1.45 -10.28 -12.21
N SER A 233 0.86 -9.14 -12.62
CA SER A 233 0.25 -9.06 -13.93
C SER A 233 1.14 -8.36 -14.95
N GLY A 234 2.42 -8.20 -14.61
CA GLY A 234 3.33 -7.39 -15.45
C GLY A 234 3.55 -7.98 -16.84
N LYS A 235 3.38 -9.31 -17.01
CA LYS A 235 3.54 -9.94 -18.33
CA LYS A 235 3.56 -9.88 -18.35
C LYS A 235 2.28 -9.73 -19.18
N ASP A 236 1.18 -9.39 -18.50
CA ASP A 236 -0.13 -9.25 -19.14
C ASP A 236 -0.31 -7.80 -19.56
N ILE A 237 0.44 -7.46 -20.61
CA ILE A 237 0.45 -6.08 -21.06
C ILE A 237 -0.95 -5.60 -21.49
N ASP A 238 -1.75 -6.47 -22.11
CA ASP A 238 -3.07 -6.04 -22.56
C ASP A 238 -3.93 -5.62 -21.37
N TYR A 239 -3.93 -6.45 -20.32
CA TYR A 239 -4.68 -6.12 -19.10
C TYR A 239 -4.17 -4.83 -18.47
N GLN A 240 -2.86 -4.71 -18.32
CA GLN A 240 -2.33 -3.53 -17.64
C GLN A 240 -2.62 -2.25 -18.41
N CYS A 241 -2.44 -2.26 -19.73
CA CYS A 241 -2.80 -1.08 -20.52
C CYS A 241 -4.30 -0.78 -20.48
N LYS A 242 -5.14 -1.82 -20.40
CA LYS A 242 -6.58 -1.62 -20.29
C LYS A 242 -6.89 -0.85 -19.00
N MET A 243 -6.19 -1.17 -17.91
CA MET A 243 -6.41 -0.48 -16.64
C MET A 243 -5.90 0.94 -16.73
N LEU A 244 -4.71 1.10 -17.28
CA LEU A 244 -4.13 2.45 -17.39
C LEU A 244 -5.02 3.33 -18.26
N ASP A 245 -5.64 2.73 -19.28
CA ASP A 245 -6.48 3.53 -20.18
C ASP A 245 -7.74 4.04 -19.47
N ARG A 246 -8.09 3.40 -18.36
CA ARG A 246 -9.21 3.88 -17.55
C ARG A 246 -8.80 5.01 -16.61
N GLY A 247 -7.51 5.33 -16.59
CA GLY A 247 -7.07 6.56 -15.92
C GLY A 247 -6.41 6.39 -14.57
N VAL A 248 -6.36 5.15 -14.06
CA VAL A 248 -5.86 4.90 -12.72
C VAL A 248 -4.35 4.69 -12.71
N TRP A 249 -3.77 4.67 -11.50
CA TRP A 249 -2.37 4.37 -11.34
C TRP A 249 -2.16 2.89 -11.16
N LEU A 250 -1.14 2.32 -11.79
CA LEU A 250 -0.72 0.96 -11.48
C LEU A 250 0.45 1.04 -10.52
N GLU A 251 0.35 0.34 -9.40
CA GLU A 251 1.40 0.34 -8.41
C GLU A 251 2.12 -1.00 -8.40
N PHE A 252 3.42 -0.97 -8.66
CA PHE A 252 4.30 -2.12 -8.59
C PHE A 252 4.95 -2.01 -7.25
N ASP A 253 4.32 -2.64 -6.26
CA ASP A 253 4.76 -2.46 -4.88
C ASP A 253 5.40 -3.73 -4.30
N MET A 254 5.80 -4.68 -5.15
CA MET A 254 6.40 -5.93 -4.67
C MET A 254 7.83 -6.02 -5.15
N ILE A 255 8.44 -4.85 -5.38
CA ILE A 255 9.76 -4.85 -5.98
C ILE A 255 10.78 -5.31 -4.98
N GLY A 256 11.49 -6.39 -5.31
CA GLY A 256 12.42 -7.02 -4.39
C GLY A 256 11.77 -7.87 -3.31
N LEU A 257 10.50 -8.25 -3.50
CA LEU A 257 9.84 -9.09 -2.51
C LEU A 257 10.55 -10.47 -2.37
N ASP A 258 10.81 -11.10 -3.50
CA ASP A 258 11.69 -12.29 -3.57
C ASP A 258 11.20 -13.43 -2.70
N ILE A 259 9.89 -13.68 -2.73
CA ILE A 259 9.29 -14.73 -1.89
C ILE A 259 8.34 -15.53 -2.75
N SER A 260 8.29 -16.84 -2.48
CA SER A 260 7.32 -17.71 -3.10
CA SER A 260 7.30 -17.71 -3.08
C SER A 260 6.31 -18.16 -2.03
N PHE A 261 5.04 -18.00 -2.33
CA PHE A 261 3.99 -18.36 -1.40
C PHE A 261 3.44 -19.74 -1.76
N PRO A 262 3.17 -20.56 -0.74
CA PRO A 262 2.71 -21.91 -1.06
C PRO A 262 1.41 -21.94 -1.87
N LYS A 263 0.54 -20.95 -1.66
N LYS A 263 0.53 -20.96 -1.67
CA LYS A 263 -0.67 -20.82 -2.47
CA LYS A 263 -0.70 -20.91 -2.45
C LYS A 263 -0.59 -19.63 -3.43
C LYS A 263 -0.51 -20.25 -3.82
N GLU A 264 -1.22 -18.53 -3.04
N GLU A 264 0.37 -19.25 -3.86
CA GLU A 264 -1.33 -17.36 -3.89
CA GLU A 264 0.49 -18.35 -5.02
C GLU A 264 -0.54 -17.49 -5.18
C GLU A 264 1.72 -18.59 -5.91
N GLY A 265 0.77 -17.66 -5.04
N GLY A 265 2.70 -19.33 -5.40
CA GLY A 265 1.67 -17.69 -6.18
CA GLY A 265 3.98 -19.49 -6.09
C GLY A 265 3.06 -17.17 -5.82
C GLY A 265 4.85 -18.24 -5.98
N ALA A 266 3.96 -17.22 -6.80
N ALA A 266 5.82 -18.12 -6.90
CA ALA A 266 5.33 -16.79 -6.59
CA ALA A 266 6.78 -17.01 -6.87
C ALA A 266 5.48 -15.35 -7.05
C ALA A 266 6.24 -15.63 -7.30
N ALA A 267 6.39 -14.61 -6.42
CA ALA A 267 6.46 -13.19 -6.74
CA ALA A 267 6.32 -13.23 -6.83
C ALA A 267 7.27 -13.00 -8.01
N PRO A 268 6.89 -12.05 -8.88
CA PRO A 268 7.75 -11.80 -10.03
C PRO A 268 9.15 -11.40 -9.60
N SER A 269 10.15 -11.73 -10.41
CA SER A 269 11.51 -11.35 -10.09
C SER A 269 11.67 -9.86 -10.34
N VAL A 270 12.71 -9.28 -9.74
CA VAL A 270 13.04 -7.90 -10.00
C VAL A 270 13.21 -7.65 -11.50
N MET A 271 13.98 -8.49 -12.18
CA MET A 271 14.19 -8.30 -13.62
C MET A 271 12.89 -8.40 -14.40
N ASP A 272 11.96 -9.28 -13.99
CA ASP A 272 10.64 -9.35 -14.63
C ASP A 272 9.98 -7.97 -14.55
N THR A 273 10.06 -7.36 -13.38
CA THR A 273 9.34 -6.09 -13.15
C THR A 273 10.07 -4.93 -13.83
N VAL A 274 11.39 -5.00 -13.90
CA VAL A 274 12.16 -4.03 -14.68
C VAL A 274 11.62 -4.00 -16.13
N GLU A 275 11.43 -5.17 -16.72
CA GLU A 275 10.94 -5.26 -18.09
C GLU A 275 9.48 -4.80 -18.23
N ALA A 276 8.63 -5.16 -17.28
CA ALA A 276 7.23 -4.75 -17.32
C ALA A 276 7.14 -3.22 -17.24
N VAL A 277 7.83 -2.63 -16.25
CA VAL A 277 7.78 -1.17 -16.06
C VAL A 277 8.41 -0.44 -17.24
N ALA A 278 9.56 -0.95 -17.70
CA ALA A 278 10.24 -0.30 -18.86
C ALA A 278 9.32 -0.32 -20.05
N THR A 279 8.65 -1.45 -20.28
CA THR A 279 7.75 -1.55 -21.44
C THR A 279 6.55 -0.59 -21.36
N LEU A 280 5.95 -0.48 -20.17
CA LEU A 280 4.87 0.46 -19.99
C LEU A 280 5.34 1.89 -20.24
N ILE A 281 6.55 2.24 -19.78
CA ILE A 281 7.10 3.59 -20.02
C ILE A 281 7.25 3.81 -21.51
N GLU A 282 7.72 2.79 -22.23
CA GLU A 282 7.93 2.94 -23.67
C GLU A 282 6.61 3.05 -24.42
N ARG A 283 5.55 2.52 -23.81
CA ARG A 283 4.19 2.62 -24.35
C ARG A 283 3.54 3.95 -23.96
N GLY A 284 4.25 4.77 -23.17
CA GLY A 284 3.79 6.13 -22.90
C GLY A 284 3.07 6.32 -21.58
N TYR A 285 3.15 5.31 -20.69
CA TYR A 285 2.39 5.35 -19.45
C TYR A 285 3.22 5.66 -18.20
N GLY A 286 4.40 6.24 -18.41
CA GLY A 286 5.31 6.48 -17.30
C GLY A 286 4.73 7.36 -16.21
N ASN A 287 3.84 8.28 -16.56
CA ASN A 287 3.26 9.20 -15.59
CA ASN A 287 3.27 9.19 -15.58
C ASN A 287 2.10 8.60 -14.80
N GLN A 288 1.88 7.29 -14.97
CA GLN A 288 0.78 6.61 -14.28
C GLN A 288 1.28 5.44 -13.46
N ILE A 289 2.57 5.40 -13.18
CA ILE A 289 3.17 4.25 -12.49
C ILE A 289 3.76 4.70 -11.16
N VAL A 290 3.52 3.94 -10.10
CA VAL A 290 4.26 4.14 -8.85
C VAL A 290 4.92 2.83 -8.41
N LEU A 291 5.92 2.94 -7.54
CA LEU A 291 6.83 1.83 -7.19
C LEU A 291 7.00 1.74 -5.69
N SER A 292 7.01 0.53 -5.12
CA SER A 292 7.27 0.40 -3.70
C SER A 292 7.72 -1.05 -3.40
N HIS A 293 7.98 -1.36 -2.13
CA HIS A 293 8.50 -2.66 -1.71
C HIS A 293 7.45 -3.55 -1.02
N ASP A 294 6.43 -2.93 -0.43
CA ASP A 294 5.46 -3.67 0.39
C ASP A 294 6.13 -4.47 1.49
N VAL A 295 7.12 -3.89 2.17
CA VAL A 295 7.68 -4.54 3.35
C VAL A 295 6.53 -4.87 4.30
N PHE A 296 6.37 -6.14 4.68
CA PHE A 296 5.27 -6.50 5.56
C PHE A 296 5.59 -7.71 6.42
N LEU A 297 6.83 -8.22 6.26
CA LEU A 297 7.35 -9.39 6.99
C LEU A 297 8.74 -9.06 7.47
N LYS A 298 9.14 -9.62 8.61
CA LYS A 298 10.47 -9.31 9.12
C LYS A 298 11.55 -9.77 8.16
N GLN A 299 11.28 -10.83 7.39
CA GLN A 299 12.29 -11.37 6.49
C GLN A 299 12.64 -10.37 5.38
N MET A 300 11.79 -9.37 5.18
CA MET A 300 12.07 -8.40 4.12
C MET A 300 13.06 -7.30 4.55
N TRP A 301 13.29 -7.17 5.85
CA TRP A 301 14.24 -6.17 6.32
C TRP A 301 15.65 -6.49 5.82
N ALA A 302 16.39 -5.46 5.42
CA ALA A 302 17.79 -5.65 4.99
C ALA A 302 18.69 -6.29 6.05
N LYS A 303 18.46 -5.96 7.33
CA LYS A 303 19.26 -6.54 8.41
C LYS A 303 19.11 -8.06 8.47
N ASN A 304 18.03 -8.56 7.89
CA ASN A 304 17.79 -10.00 7.83
C ASN A 304 18.17 -10.62 6.49
N GLY A 305 18.78 -9.83 5.61
CA GLY A 305 19.15 -10.31 4.27
C GLY A 305 18.07 -10.10 3.21
N GLY A 306 17.00 -9.40 3.58
CA GLY A 306 15.99 -9.00 2.60
C GLY A 306 16.43 -7.74 1.93
N ASN A 307 15.52 -7.10 1.18
CA ASN A 307 15.93 -5.94 0.40
C ASN A 307 15.68 -4.58 1.05
N GLY A 308 14.95 -4.57 2.16
CA GLY A 308 14.74 -3.34 2.92
C GLY A 308 14.00 -2.26 2.15
N TRP A 309 14.22 -1.00 2.55
CA TRP A 309 13.49 0.15 2.01
C TRP A 309 14.32 0.99 1.06
N GLY A 310 15.58 0.59 0.85
CA GLY A 310 16.44 1.35 -0.06
C GLY A 310 16.49 0.77 -1.46
N PHE A 311 15.86 -0.38 -1.65
CA PHE A 311 16.05 -1.15 -2.88
C PHE A 311 15.46 -0.49 -4.14
N VAL A 312 14.23 -0.03 -4.05
CA VAL A 312 13.60 0.65 -5.20
C VAL A 312 14.40 1.85 -5.68
N PRO A 313 14.67 2.82 -4.82
CA PRO A 313 15.43 3.98 -5.28
C PRO A 313 16.86 3.68 -5.68
N ASN A 314 17.51 2.77 -5.01
CA ASN A 314 18.89 2.50 -5.28
C ASN A 314 19.15 1.48 -6.38
N VAL A 315 18.51 0.33 -6.34
CA VAL A 315 18.74 -0.70 -7.33
C VAL A 315 17.76 -0.72 -8.49
N PHE A 316 16.48 -0.68 -8.19
CA PHE A 316 15.50 -0.74 -9.28
C PHE A 316 15.67 0.42 -10.29
N LEU A 317 15.87 1.65 -9.80
CA LEU A 317 16.06 2.79 -10.70
C LEU A 317 17.33 2.63 -11.54
N SER A 318 18.38 2.03 -10.97
CA SER A 318 19.62 1.76 -11.72
C SER A 318 19.39 0.72 -12.80
N LEU A 319 18.61 -0.31 -12.46
CA LEU A 319 18.27 -1.32 -13.45
C LEU A 319 17.46 -0.73 -14.61
N LEU A 320 16.54 0.19 -14.32
CA LEU A 320 15.82 0.86 -15.40
C LEU A 320 16.74 1.66 -16.31
N ALA A 321 17.73 2.32 -15.72
CA ALA A 321 18.70 3.09 -16.48
C ALA A 321 19.49 2.17 -17.42
N GLN A 322 19.92 1.02 -16.92
CA GLN A 322 20.66 0.05 -17.73
C GLN A 322 19.78 -0.47 -18.87
N ARG A 323 18.49 -0.57 -18.59
CA ARG A 323 17.48 -1.03 -19.55
C ARG A 323 17.15 0.08 -20.57
N GLY A 324 17.77 1.24 -20.42
CA GLY A 324 17.66 2.29 -21.46
C GLY A 324 16.55 3.32 -21.27
N ILE A 325 15.93 3.34 -20.10
CA ILE A 325 14.89 4.32 -19.81
C ILE A 325 15.52 5.67 -19.50
N ASP A 326 14.90 6.73 -20.02
CA ASP A 326 15.43 8.10 -19.90
C ASP A 326 15.52 8.55 -18.43
N LYS A 327 16.58 9.23 -18.09
CA LYS A 327 16.78 9.72 -16.77
C LYS A 327 15.65 10.64 -16.34
N THR A 328 15.11 11.42 -17.25
CA THR A 328 14.04 12.35 -16.89
C THR A 328 12.82 11.62 -16.36
N ILE A 329 12.55 10.43 -16.90
CA ILE A 329 11.41 9.66 -16.47
C ILE A 329 11.77 8.96 -15.16
N ILE A 330 12.98 8.41 -15.09
CA ILE A 330 13.43 7.72 -13.88
C ILE A 330 13.37 8.63 -12.66
N ASP A 331 13.78 9.88 -12.82
CA ASP A 331 13.77 10.86 -11.72
C ASP A 331 12.35 11.15 -11.22
N LYS A 332 11.35 10.99 -12.09
CA LYS A 332 9.96 11.26 -11.68
C LYS A 332 9.30 10.07 -10.98
N LEU A 333 9.79 8.86 -11.23
CA LEU A 333 9.06 7.65 -10.81
C LEU A 333 8.86 7.57 -9.31
N CYS A 334 9.85 8.04 -8.54
CA CYS A 334 9.81 7.94 -7.08
C CYS A 334 9.64 9.29 -6.40
N ILE A 335 9.45 10.34 -7.20
CA ILE A 335 9.29 11.69 -6.67
C ILE A 335 7.99 12.33 -7.17
N ASP A 336 8.00 12.85 -8.40
CA ASP A 336 6.80 13.47 -8.97
C ASP A 336 5.59 12.54 -8.95
N ASN A 337 5.78 11.29 -9.35
CA ASN A 337 4.65 10.38 -9.53
C ASN A 337 3.90 10.10 -8.20
N PRO A 338 4.62 9.62 -7.16
CA PRO A 338 3.88 9.37 -5.92
C PRO A 338 3.36 10.66 -5.30
N ALA A 339 4.04 11.78 -5.50
CA ALA A 339 3.50 13.03 -4.99
C ALA A 339 2.17 13.37 -5.67
N ASN A 340 2.08 13.13 -6.97
CA ASN A 340 0.83 13.39 -7.66
C ASN A 340 -0.27 12.45 -7.20
N LEU A 341 0.03 11.16 -7.15
CA LEU A 341 -0.98 10.21 -6.71
C LEU A 341 -1.46 10.58 -5.33
N LEU A 342 -0.53 10.81 -4.40
CA LEU A 342 -0.93 10.91 -2.98
C LEU A 342 -1.48 12.28 -2.62
N ALA A 343 -1.00 13.32 -3.28
CA ALA A 343 -1.26 14.68 -2.81
C ALA A 343 -1.99 15.62 -3.78
N ALA A 344 -2.11 15.27 -5.05
CA ALA A 344 -2.82 16.14 -5.98
C ALA A 344 -4.30 16.22 -5.61
N GLU A 345 -4.93 17.35 -5.89
CA GLU A 345 -6.35 17.47 -5.61
C GLU A 345 -7.21 16.69 -6.61
N ASN A 346 -8.26 16.06 -6.08
CA ASN A 346 -9.29 15.35 -6.84
C ASN A 346 -9.91 16.31 -7.86
N LEU A 347 -10.10 15.87 -9.12
CA LEU A 347 -10.67 16.74 -10.14
C LEU A 347 -12.18 16.83 -10.06
N TYR A 348 -12.82 15.87 -9.38
CA TYR A 348 -14.28 15.78 -9.38
C TYR A 348 -14.92 16.28 -8.09
N PHE A 349 -14.16 16.21 -6.99
CA PHE A 349 -14.67 16.52 -5.64
C PHE A 349 -13.67 17.43 -4.96
N GLN A 350 -14.01 18.72 -4.90
CA GLN A 350 -13.08 19.70 -4.36
C GLN A 350 -13.49 20.27 -3.00
N SER A 351 -14.59 19.79 -2.43
CA SER A 351 -15.02 20.22 -1.10
C SER A 351 -15.03 19.06 -0.12
N HIS A 352 -14.62 19.32 1.10
CA HIS A 352 -14.89 18.42 2.21
C HIS A 352 -16.12 18.90 2.98
N HIS A 353 -17.12 18.00 3.07
N HIS A 353 -17.07 18.02 3.26
CA HIS A 353 -18.41 18.26 3.74
CA HIS A 353 -18.18 18.49 4.06
C HIS A 353 -18.37 17.65 5.12
C HIS A 353 -18.16 17.88 5.46
N HIS A 354 -18.74 18.44 6.13
N HIS A 354 -18.93 18.46 6.37
CA HIS A 354 -18.70 17.97 7.50
CA HIS A 354 -19.01 17.97 7.73
C HIS A 354 -19.72 16.88 7.76
C HIS A 354 -19.26 16.47 7.71
N HIS A 355 -20.13 16.27 6.65
N HIS A 355 -20.04 16.04 6.73
CA HIS A 355 -20.83 15.00 6.58
CA HIS A 355 -20.33 14.62 6.53
C HIS A 355 -20.63 14.53 5.12
C HIS A 355 -20.17 14.30 5.05
N HIS A 356 -20.17 13.30 4.91
N HIS A 356 -20.00 13.02 4.73
CA HIS A 356 -19.89 12.85 3.54
CA HIS A 356 -19.85 12.61 3.33
C HIS A 356 -21.12 13.00 2.64
C HIS A 356 -21.16 12.75 2.53
N HIS A 357 -22.30 12.78 3.23
CA HIS A 357 -23.57 12.97 2.54
C HIS A 357 -24.04 14.42 2.65
N TRP A 358 -23.08 15.35 2.69
CA TRP A 358 -23.38 16.77 2.92
C TRP A 358 -24.04 17.46 1.73
N SER A 359 -24.54 16.67 0.78
CA SER A 359 -25.23 17.19 -0.39
C SER A 359 -26.75 16.98 -0.27
N HIS A 360 -27.14 16.15 0.68
CA HIS A 360 -28.56 15.85 0.92
C HIS A 360 -29.11 16.74 2.04
N PRO A 361 -30.40 17.09 1.96
CA PRO A 361 -31.04 17.99 2.91
C PRO A 361 -31.09 17.43 4.34
N GLN A 362 -30.64 18.23 5.31
CA GLN A 362 -30.65 17.85 6.72
C GLN A 362 -32.05 18.04 7.30
N PHE A 363 -32.89 18.76 6.58
CA PHE A 363 -34.25 19.08 7.03
C PHE A 363 -35.23 17.97 6.65
#